data_1LVM
#
_entry.id   1LVM
#
_cell.length_a   75.505
_cell.length_b   75.505
_cell.length_c   183.167
_cell.angle_alpha   90.00
_cell.angle_beta   90.00
_cell.angle_gamma   90.00
#
_symmetry.space_group_name_H-M   'P 43 21 2'
#
loop_
_entity.id
_entity.type
_entity.pdbx_description
1 polymer 'CATALYTIC DOMAIN OF THE NUCLEAR INCLUSION PROTEIN A (NIA)'
2 polymer 'OLIGOPEPTIDE SUBSTRATE FOR THE PROTEASE'
3 polymer 'CATALYTIC DOMAIN OF THE NUCLEAR INCLUSION PROTEIN A (NIA)'
4 water water
#
loop_
_entity_poly.entity_id
_entity_poly.type
_entity_poly.pdbx_seq_one_letter_code
_entity_poly.pdbx_strand_id
1 'polypeptide(L)'
;GHHHHHHHGESLFKGPRDYNPISSTICHLTNESDGHTTSLYGIGFGPFIITNKHLFRRNNGTLLVQSLHGVFKVKNTTTL
QQHLIDGRDMIIIRMPKDFPPFPQKLKFREPQREERICLVTTNFQTKSMSSMVSDTSCTFPSSDGIFWKHWIQTKDGQCG
SPLVSTRDGFIVGIHSASNFTNTNNYFTSVPKNFMELLTNQEAQQWVSGWRLNADSVLWGGHKVFMDKP
;
A,B
2 'polypeptide(L)' (ACE)ENLYFQSGT C,D
3 'polypeptide(L)' EATQLMN E
#
# COMPACT_ATOMS: atom_id res chain seq x y z
N GLY A 1 10.72 -9.70 -13.04
CA GLY A 1 11.49 -10.39 -14.19
C GLY A 1 12.95 -10.00 -14.29
N HIS A 2 13.35 -8.96 -13.55
CA HIS A 2 14.73 -8.49 -13.64
C HIS A 2 15.53 -8.84 -12.41
N HIS A 3 16.64 -9.53 -12.64
CA HIS A 3 17.54 -9.85 -11.57
C HIS A 3 18.59 -8.76 -11.64
N HIS A 4 18.69 -7.95 -10.58
CA HIS A 4 19.69 -6.88 -10.57
C HIS A 4 21.13 -7.35 -10.42
N HIS A 5 22.07 -6.56 -10.96
CA HIS A 5 23.52 -6.83 -10.89
C HIS A 5 24.36 -5.52 -11.05
N HIS A 6 25.63 -5.57 -10.66
CA HIS A 6 26.60 -4.44 -10.78
C HIS A 6 25.97 -3.14 -10.25
N HIS A 7 25.17 -3.26 -9.20
CA HIS A 7 24.42 -2.18 -8.58
C HIS A 7 25.07 -1.30 -7.49
N HIS A 8 24.32 -0.26 -7.11
CA HIS A 8 24.66 0.69 -6.04
C HIS A 8 23.46 0.46 -5.09
N GLY A 9 23.65 0.61 -3.77
CA GLY A 9 22.57 0.40 -2.83
C GLY A 9 21.39 1.33 -3.18
N GLU A 10 21.71 2.54 -3.64
CA GLU A 10 20.69 3.52 -3.99
C GLU A 10 19.87 3.14 -5.25
N SER A 11 20.30 2.13 -5.99
CA SER A 11 19.59 1.73 -7.21
C SER A 11 18.39 0.81 -6.92
N LEU A 12 18.24 0.43 -5.65
CA LEU A 12 17.15 -0.45 -5.28
C LEU A 12 15.82 0.23 -5.34
N PHE A 13 14.76 -0.55 -5.42
CA PHE A 13 13.42 -0.01 -5.44
C PHE A 13 13.13 0.64 -4.08
N LYS A 14 12.32 1.69 -4.08
CA LYS A 14 11.98 2.39 -2.82
C LYS A 14 11.31 1.44 -1.83
N GLY A 15 11.64 1.65 -0.57
CA GLY A 15 11.10 0.87 0.52
C GLY A 15 9.66 1.25 0.85
N PRO A 16 9.16 0.72 1.94
CA PRO A 16 7.76 1.00 2.32
C PRO A 16 7.44 2.48 2.45
N ARG A 17 6.28 2.82 1.90
CA ARG A 17 5.79 4.22 1.99
C ARG A 17 4.41 4.16 2.67
N ASP A 18 4.08 5.17 3.47
CA ASP A 18 2.79 5.16 4.13
C ASP A 18 1.83 5.93 3.21
N TYR A 19 0.85 5.24 2.62
CA TYR A 19 -0.08 5.89 1.70
C TYR A 19 -1.34 6.26 2.44
N ASN A 20 -1.39 5.98 3.75
CA ASN A 20 -2.62 6.29 4.48
C ASN A 20 -2.97 7.77 4.52
N PRO A 21 -1.94 8.67 4.50
CA PRO A 21 -2.29 10.09 4.54
C PRO A 21 -3.06 10.46 3.25
N ILE A 22 -2.73 9.79 2.16
CA ILE A 22 -3.47 10.05 0.92
C ILE A 22 -4.82 9.33 0.96
N SER A 23 -4.83 8.04 1.31
CA SER A 23 -6.11 7.33 1.25
C SER A 23 -7.10 7.86 2.25
N SER A 24 -6.62 8.46 3.34
CA SER A 24 -7.54 8.98 4.36
C SER A 24 -8.28 10.22 3.83
N THR A 25 -7.82 10.77 2.72
CA THR A 25 -8.49 11.97 2.15
C THR A 25 -9.41 11.60 0.98
N ILE A 26 -9.41 10.35 0.58
CA ILE A 26 -10.26 9.96 -0.56
C ILE A 26 -11.73 9.86 -0.16
N CYS A 27 -12.61 10.38 -1.02
CA CYS A 27 -14.03 10.29 -0.80
C CYS A 27 -14.67 9.59 -1.94
N HIS A 28 -15.78 8.95 -1.64
CA HIS A 28 -16.56 8.31 -2.70
C HIS A 28 -17.74 9.24 -2.98
N LEU A 29 -17.96 9.55 -4.27
CA LEU A 29 -18.97 10.52 -4.70
C LEU A 29 -20.02 9.89 -5.59
N THR A 30 -21.29 10.16 -5.28
CA THR A 30 -22.35 9.70 -6.08
C THR A 30 -23.26 10.84 -6.50
N ASN A 31 -23.29 11.13 -7.81
CA ASN A 31 -24.15 12.23 -8.28
C ASN A 31 -25.41 11.57 -8.85
N GLU A 32 -26.54 11.75 -8.17
CA GLU A 32 -27.75 11.13 -8.64
C GLU A 32 -28.68 12.24 -9.21
N SER A 33 -28.97 12.12 -10.50
CA SER A 33 -29.75 13.18 -11.11
C SER A 33 -30.46 12.67 -12.36
N ASP A 34 -31.75 13.03 -12.51
CA ASP A 34 -32.49 12.71 -13.73
C ASP A 34 -32.63 11.23 -14.01
N GLY A 35 -32.71 10.38 -13.01
CA GLY A 35 -32.81 8.96 -13.32
C GLY A 35 -31.46 8.30 -13.52
N HIS A 36 -30.38 9.10 -13.47
CA HIS A 36 -29.04 8.55 -13.59
C HIS A 36 -28.29 8.62 -12.26
N THR A 37 -27.27 7.79 -12.17
CA THR A 37 -26.44 7.86 -10.99
C THR A 37 -25.02 7.61 -11.43
N THR A 38 -24.09 8.52 -11.09
CA THR A 38 -22.68 8.38 -11.46
C THR A 38 -21.85 8.35 -10.20
N SER A 39 -21.04 7.31 -10.02
CA SER A 39 -20.21 7.23 -8.83
C SER A 39 -18.75 7.13 -9.22
N LEU A 40 -17.89 7.76 -8.43
CA LEU A 40 -16.47 7.74 -8.67
C LEU A 40 -15.83 8.40 -7.43
N TYR A 41 -14.52 8.55 -7.46
CA TYR A 41 -13.86 9.11 -6.28
C TYR A 41 -13.30 10.52 -6.41
N GLY A 42 -13.01 11.11 -5.26
CA GLY A 42 -12.39 12.44 -5.22
C GLY A 42 -11.34 12.48 -4.13
N ILE A 43 -10.52 13.54 -4.13
CA ILE A 43 -9.43 13.69 -3.18
C ILE A 43 -9.68 14.97 -2.37
N GLY A 44 -9.80 14.84 -1.05
CA GLY A 44 -10.06 16.00 -0.23
C GLY A 44 -8.82 16.79 0.11
N PHE A 45 -8.97 18.10 0.18
CA PHE A 45 -7.85 19.00 0.48
C PHE A 45 -8.48 20.28 1.04
N GLY A 46 -8.33 20.49 2.33
CA GLY A 46 -8.99 21.64 2.89
C GLY A 46 -10.49 21.50 2.67
N PRO A 47 -11.14 22.61 2.22
CA PRO A 47 -12.58 22.61 2.00
C PRO A 47 -12.93 22.08 0.61
N PHE A 48 -11.91 21.60 -0.10
CA PHE A 48 -12.11 21.13 -1.48
C PHE A 48 -12.12 19.64 -1.67
N ILE A 49 -12.75 19.20 -2.76
CA ILE A 49 -12.68 17.79 -3.16
C ILE A 49 -12.26 17.89 -4.66
N ILE A 50 -11.17 17.25 -5.01
CA ILE A 50 -10.62 17.30 -6.39
C ILE A 50 -11.13 16.03 -7.01
N THR A 51 -11.78 16.13 -8.16
CA THR A 51 -12.36 14.93 -8.79
C THR A 51 -12.48 15.11 -10.30
N ASN A 52 -13.12 14.16 -10.95
CA ASN A 52 -13.25 14.23 -12.42
C ASN A 52 -14.33 15.23 -12.83
N LYS A 53 -14.07 16.01 -13.88
CA LYS A 53 -15.06 16.93 -14.38
C LYS A 53 -16.28 16.12 -14.87
N HIS A 54 -16.12 14.89 -15.37
CA HIS A 54 -17.28 14.19 -15.88
C HIS A 54 -18.27 13.76 -14.82
N LEU A 55 -17.93 13.97 -13.56
CA LEU A 55 -18.90 13.70 -12.49
C LEU A 55 -20.14 14.60 -12.78
N PHE A 56 -19.87 15.74 -13.40
CA PHE A 56 -20.93 16.74 -13.68
C PHE A 56 -21.51 16.71 -15.09
N ARG A 57 -21.54 15.52 -15.69
CA ARG A 57 -22.20 15.28 -16.97
C ARG A 57 -23.59 15.84 -16.73
N ARG A 58 -24.11 15.65 -15.51
CA ARG A 58 -25.40 16.19 -15.13
C ARG A 58 -25.21 17.02 -13.87
N ASN A 59 -26.06 18.01 -13.64
CA ASN A 59 -25.94 18.79 -12.42
C ASN A 59 -27.37 19.26 -12.08
N ASN A 60 -28.17 18.37 -11.50
CA ASN A 60 -29.57 18.68 -11.28
C ASN A 60 -30.15 17.74 -10.23
N GLY A 61 -29.33 17.37 -9.25
CA GLY A 61 -29.79 16.39 -8.27
C GLY A 61 -29.04 16.50 -6.99
N THR A 62 -28.61 15.35 -6.45
CA THR A 62 -27.95 15.30 -5.16
C THR A 62 -26.54 14.73 -5.24
N LEU A 63 -25.71 15.07 -4.27
CA LEU A 63 -24.36 14.48 -4.25
C LEU A 63 -24.12 13.79 -2.94
N LEU A 64 -23.90 12.47 -2.96
CA LEU A 64 -23.61 11.76 -1.69
C LEU A 64 -22.11 11.70 -1.58
N VAL A 65 -21.57 12.10 -0.43
CA VAL A 65 -20.10 12.11 -0.26
C VAL A 65 -19.71 11.25 0.94
N GLN A 66 -19.07 10.13 0.65
CA GLN A 66 -18.62 9.22 1.70
C GLN A 66 -17.13 9.48 2.00
N SER A 67 -16.80 9.78 3.27
CA SER A 67 -15.40 10.10 3.61
C SER A 67 -15.06 9.44 4.97
N LEU A 68 -13.89 9.80 5.46
CA LEU A 68 -13.38 9.30 6.75
C LEU A 68 -14.34 9.76 7.85
N HIS A 69 -14.89 10.94 7.67
CA HIS A 69 -15.75 11.49 8.72
C HIS A 69 -17.20 11.10 8.63
N GLY A 70 -17.51 10.21 7.70
CA GLY A 70 -18.86 9.75 7.53
C GLY A 70 -19.44 10.01 6.16
N VAL A 71 -20.77 9.99 6.11
CA VAL A 71 -21.47 10.19 4.86
C VAL A 71 -22.30 11.49 4.90
N PHE A 72 -22.14 12.35 3.90
CA PHE A 72 -22.83 13.62 3.87
C PHE A 72 -23.54 13.73 2.56
N LYS A 73 -24.68 14.37 2.57
CA LYS A 73 -25.43 14.53 1.34
C LYS A 73 -25.73 15.96 1.03
N VAL A 74 -25.38 16.35 -0.19
CA VAL A 74 -25.66 17.69 -0.70
C VAL A 74 -27.05 17.59 -1.33
N LYS A 75 -27.99 18.39 -0.85
CA LYS A 75 -29.34 18.29 -1.34
C LYS A 75 -29.58 18.77 -2.74
N ASN A 76 -28.83 19.76 -3.13
CA ASN A 76 -28.98 20.32 -4.46
C ASN A 76 -27.60 20.63 -5.03
N THR A 77 -27.17 19.81 -5.98
CA THR A 77 -25.86 20.00 -6.54
C THR A 77 -25.60 21.32 -7.19
N THR A 78 -26.64 21.99 -7.66
CA THR A 78 -26.44 23.25 -8.33
C THR A 78 -25.93 24.32 -7.41
N THR A 79 -25.98 24.06 -6.10
CA THR A 79 -25.48 25.04 -5.13
C THR A 79 -23.97 24.91 -4.88
N LEU A 80 -23.40 23.83 -5.38
CA LEU A 80 -21.98 23.63 -5.13
C LEU A 80 -21.05 24.53 -5.98
N GLN A 81 -20.13 25.26 -5.36
CA GLN A 81 -19.14 26.00 -6.11
C GLN A 81 -18.12 25.04 -6.77
N GLN A 82 -17.79 25.34 -8.02
CA GLN A 82 -16.92 24.52 -8.84
C GLN A 82 -15.81 25.37 -9.49
N HIS A 83 -14.63 24.79 -9.58
CA HIS A 83 -13.54 25.45 -10.29
C HIS A 83 -13.10 24.47 -11.38
N LEU A 84 -13.29 24.87 -12.62
CA LEU A 84 -12.94 23.99 -13.76
C LEU A 84 -11.48 24.06 -14.14
N ILE A 85 -10.87 22.90 -14.47
CA ILE A 85 -9.51 22.86 -14.95
C ILE A 85 -9.64 22.75 -16.50
N ASP A 86 -9.31 23.84 -17.13
CA ASP A 86 -9.39 24.01 -18.57
C ASP A 86 -8.82 22.83 -19.39
N GLY A 87 -9.63 22.28 -20.26
CA GLY A 87 -9.15 21.24 -21.14
C GLY A 87 -8.81 19.89 -20.57
N ARG A 88 -9.06 19.66 -19.28
CA ARG A 88 -8.72 18.38 -18.55
C ARG A 88 -10.00 17.83 -17.90
N ASP A 89 -10.02 16.52 -17.67
CA ASP A 89 -11.14 15.91 -16.95
C ASP A 89 -10.87 16.10 -15.45
N MET A 90 -10.87 17.34 -15.01
CA MET A 90 -10.61 17.61 -13.59
C MET A 90 -11.37 18.82 -13.12
N ILE A 91 -11.90 18.75 -11.90
CA ILE A 91 -12.67 19.92 -11.44
C ILE A 91 -12.46 19.99 -9.93
N ILE A 92 -12.61 21.17 -9.36
CA ILE A 92 -12.50 21.20 -7.86
C ILE A 92 -13.82 21.66 -7.32
N ILE A 93 -14.37 20.90 -6.39
CA ILE A 93 -15.66 21.26 -5.72
C ILE A 93 -15.33 21.92 -4.39
N ARG A 94 -15.98 23.03 -4.10
CA ARG A 94 -15.75 23.61 -2.78
C ARG A 94 -16.94 23.10 -1.93
N MET A 95 -16.67 22.36 -0.85
CA MET A 95 -17.77 21.88 -0.04
C MET A 95 -18.25 23.01 0.92
N PRO A 96 -19.51 22.94 1.30
CA PRO A 96 -20.08 23.96 2.21
C PRO A 96 -19.41 23.91 3.58
N LYS A 97 -19.54 24.97 4.37
CA LYS A 97 -18.89 25.00 5.69
C LYS A 97 -19.25 23.93 6.66
N ASP A 98 -20.44 23.38 6.51
CA ASP A 98 -20.86 22.32 7.40
C ASP A 98 -20.29 20.95 7.05
N PHE A 99 -19.53 20.87 5.96
CA PHE A 99 -18.84 19.60 5.63
C PHE A 99 -17.45 19.75 6.29
N PRO A 100 -17.03 18.74 7.10
CA PRO A 100 -15.73 18.75 7.80
C PRO A 100 -14.57 18.89 6.78
N PRO A 101 -13.75 19.93 6.88
CA PRO A 101 -12.65 20.07 5.94
C PRO A 101 -11.56 19.03 6.14
N PHE A 102 -10.76 18.84 5.09
CA PHE A 102 -9.62 17.90 5.13
C PHE A 102 -8.34 18.62 5.48
N PRO A 103 -7.28 17.86 5.78
CA PRO A 103 -6.05 18.60 6.09
C PRO A 103 -5.52 19.12 4.73
N GLN A 104 -4.39 19.81 4.79
CA GLN A 104 -3.76 20.36 3.58
C GLN A 104 -2.27 20.00 3.46
N LYS A 105 -1.97 18.74 3.76
CA LYS A 105 -0.62 18.24 3.72
C LYS A 105 -0.23 17.56 2.41
N LEU A 106 -1.19 17.08 1.65
CA LEU A 106 -0.89 16.40 0.37
C LEU A 106 -0.10 17.29 -0.58
N LYS A 107 0.72 16.66 -1.42
CA LYS A 107 1.48 17.37 -2.42
C LYS A 107 1.14 16.79 -3.79
N PHE A 108 0.94 17.70 -4.76
CA PHE A 108 0.60 17.37 -6.13
C PHE A 108 1.63 18.01 -7.05
N ARG A 109 1.98 17.33 -8.14
CA ARG A 109 2.86 17.94 -9.15
C ARG A 109 2.58 17.25 -10.48
N GLU A 110 3.09 17.86 -11.56
CA GLU A 110 2.94 17.25 -12.87
C GLU A 110 3.73 15.95 -12.93
N PRO A 111 3.23 14.94 -13.66
CA PRO A 111 3.91 13.67 -13.81
C PRO A 111 5.20 13.89 -14.63
N GLN A 112 6.13 12.97 -14.54
CA GLN A 112 7.41 13.05 -15.25
C GLN A 112 7.54 11.81 -16.10
N ARG A 113 7.91 12.01 -17.34
CA ARG A 113 8.02 10.87 -18.25
C ARG A 113 8.80 9.66 -17.69
N GLU A 114 8.23 8.49 -17.89
CA GLU A 114 8.84 7.28 -17.46
C GLU A 114 8.89 7.01 -15.96
N GLU A 115 8.34 7.90 -15.15
CA GLU A 115 8.42 7.61 -13.72
C GLU A 115 7.46 6.53 -13.27
N ARG A 116 7.79 5.92 -12.14
CA ARG A 116 7.00 4.85 -11.57
C ARG A 116 5.87 5.37 -10.67
N ILE A 117 4.64 4.91 -10.94
CA ILE A 117 3.49 5.34 -10.17
C ILE A 117 2.66 4.16 -9.72
N CYS A 118 1.84 4.37 -8.69
CA CYS A 118 0.91 3.34 -8.29
C CYS A 118 -0.44 4.06 -8.07
N LEU A 119 -1.47 3.27 -8.04
CA LEU A 119 -2.80 3.78 -7.87
C LEU A 119 -3.24 3.49 -6.45
N VAL A 120 -3.75 4.53 -5.79
CA VAL A 120 -4.17 4.43 -4.40
C VAL A 120 -5.62 4.62 -4.23
N THR A 121 -6.25 3.76 -3.43
CA THR A 121 -7.65 3.89 -3.21
C THR A 121 -7.98 3.63 -1.75
N THR A 122 -9.27 3.63 -1.43
CA THR A 122 -9.74 3.42 -0.07
C THR A 122 -10.96 2.49 -0.23
N ASN A 123 -11.05 1.53 0.65
CA ASN A 123 -12.18 0.61 0.65
C ASN A 123 -13.16 1.09 1.74
N PHE A 124 -14.36 1.49 1.27
CA PHE A 124 -15.44 1.98 2.12
C PHE A 124 -16.44 0.91 2.55
N GLN A 125 -16.50 -0.21 1.82
CA GLN A 125 -17.44 -1.25 2.26
C GLN A 125 -17.02 -1.91 3.59
N THR A 126 -15.72 -1.86 3.92
CA THR A 126 -15.25 -2.40 5.21
C THR A 126 -15.86 -1.42 6.24
N LYS A 127 -16.25 -1.91 7.41
CA LYS A 127 -16.83 -1.03 8.43
C LYS A 127 -15.99 0.25 8.47
N SER A 128 -14.70 0.05 8.68
CA SER A 128 -13.74 1.14 8.73
C SER A 128 -13.03 1.16 7.39
N MET A 129 -13.13 2.29 6.70
CA MET A 129 -12.48 2.46 5.42
C MET A 129 -11.01 2.05 5.55
N SER A 130 -10.52 1.30 4.58
CA SER A 130 -9.15 0.83 4.52
C SER A 130 -8.44 1.23 3.20
N SER A 131 -7.19 1.69 3.35
CA SER A 131 -6.32 2.07 2.24
C SER A 131 -5.86 0.90 1.35
N MET A 132 -5.74 1.12 0.04
CA MET A 132 -5.33 0.08 -0.90
C MET A 132 -4.34 0.66 -1.88
N VAL A 133 -3.31 -0.12 -2.27
CA VAL A 133 -2.26 0.37 -3.17
C VAL A 133 -2.03 -0.71 -4.20
N SER A 134 -1.86 -0.27 -5.43
CA SER A 134 -1.73 -1.20 -6.52
C SER A 134 -0.27 -1.46 -6.78
N ASP A 135 -0.05 -2.33 -7.76
CA ASP A 135 1.31 -2.58 -8.16
C ASP A 135 1.69 -1.36 -9.00
N THR A 136 2.96 -1.27 -9.33
CA THR A 136 3.58 -0.14 -10.01
C THR A 136 3.64 -0.21 -11.51
N SER A 137 3.37 0.92 -12.15
CA SER A 137 3.44 1.02 -13.60
C SER A 137 4.32 2.23 -13.99
N CYS A 138 5.01 2.21 -15.14
CA CYS A 138 5.70 3.42 -15.59
C CYS A 138 4.57 4.25 -16.33
N THR A 139 4.87 5.48 -16.69
CA THR A 139 3.88 6.35 -17.32
C THR A 139 4.48 7.24 -18.34
N PHE A 140 3.66 7.57 -19.36
CA PHE A 140 4.04 8.46 -20.45
C PHE A 140 2.91 9.34 -20.88
N PRO A 141 3.21 10.56 -21.39
CA PRO A 141 2.08 11.39 -21.82
C PRO A 141 1.48 10.86 -23.11
N SER A 142 0.17 10.98 -23.21
CA SER A 142 -0.50 10.63 -24.46
C SER A 142 -0.78 12.04 -25.09
N SER A 143 -0.15 12.37 -26.21
CA SER A 143 -0.32 13.70 -26.86
C SER A 143 0.35 14.84 -26.12
N ASP A 144 -0.48 15.87 -25.94
CA ASP A 144 -0.12 17.13 -25.28
C ASP A 144 0.11 17.04 -23.79
N GLY A 145 0.02 15.84 -23.24
CA GLY A 145 0.24 15.70 -21.81
C GLY A 145 -1.02 15.85 -20.97
N ILE A 146 -2.20 15.99 -21.59
CA ILE A 146 -3.43 16.11 -20.77
C ILE A 146 -3.72 14.77 -20.11
N PHE A 147 -3.88 13.76 -20.94
CA PHE A 147 -4.03 12.42 -20.43
C PHE A 147 -2.64 11.77 -20.47
N TRP A 148 -2.37 10.94 -19.47
CA TRP A 148 -1.10 10.15 -19.40
C TRP A 148 -1.49 8.70 -19.35
N LYS A 149 -0.67 7.84 -19.96
CA LYS A 149 -0.94 6.41 -19.98
C LYS A 149 -0.44 5.72 -18.72
N HIS A 150 -1.16 4.69 -18.31
CA HIS A 150 -0.69 3.91 -17.19
C HIS A 150 -1.17 2.50 -17.46
N TRP A 151 -0.48 1.50 -16.86
CA TRP A 151 -0.87 0.11 -17.05
C TRP A 151 -1.30 -0.61 -15.76
N ILE A 152 -2.02 0.10 -14.92
CA ILE A 152 -2.57 -0.52 -13.70
C ILE A 152 -4.00 -0.99 -13.91
N GLN A 153 -4.31 -2.25 -13.58
CA GLN A 153 -5.67 -2.75 -13.78
C GLN A 153 -6.63 -1.96 -12.89
N THR A 154 -7.67 -1.41 -13.48
CA THR A 154 -8.59 -0.63 -12.68
C THR A 154 -9.99 -1.19 -12.97
N LYS A 155 -10.86 -1.18 -11.98
CA LYS A 155 -12.24 -1.67 -12.16
C LYS A 155 -13.15 -0.48 -12.44
N ASP A 156 -14.31 -0.77 -13.00
CA ASP A 156 -15.26 0.29 -13.28
C ASP A 156 -15.61 0.98 -11.95
N GLY A 157 -15.67 2.31 -11.97
CA GLY A 157 -16.00 3.01 -10.74
C GLY A 157 -14.82 3.60 -9.99
N GLN A 158 -13.58 3.41 -10.48
CA GLN A 158 -12.38 3.91 -9.80
C GLN A 158 -11.85 5.22 -10.36
N CYS A 159 -12.63 5.87 -11.23
CA CYS A 159 -12.21 7.16 -11.71
C CYS A 159 -12.00 8.04 -10.48
N GLY A 160 -11.08 8.99 -10.58
CA GLY A 160 -10.82 9.93 -9.50
C GLY A 160 -9.79 9.49 -8.50
N SER A 161 -9.41 8.20 -8.60
CA SER A 161 -8.41 7.68 -7.64
C SER A 161 -7.07 8.29 -7.98
N PRO A 162 -6.25 8.69 -6.97
CA PRO A 162 -4.95 9.31 -7.28
C PRO A 162 -3.88 8.35 -7.80
N LEU A 163 -3.07 8.82 -8.76
CA LEU A 163 -1.92 8.08 -9.27
C LEU A 163 -0.84 8.77 -8.43
N VAL A 164 0.00 7.99 -7.73
CA VAL A 164 1.02 8.50 -6.83
C VAL A 164 2.43 8.01 -7.24
N SER A 165 3.38 8.95 -7.24
CA SER A 165 4.78 8.67 -7.58
C SER A 165 5.40 7.84 -6.45
N THR A 166 6.05 6.73 -6.78
CA THR A 166 6.66 5.94 -5.70
C THR A 166 7.96 6.66 -5.34
N ARG A 167 8.40 7.58 -6.20
CA ARG A 167 9.64 8.30 -5.90
C ARG A 167 9.51 9.30 -4.79
N ASP A 168 8.44 10.10 -4.75
CA ASP A 168 8.35 11.10 -3.71
C ASP A 168 7.00 11.15 -3.04
N GLY A 169 6.10 10.22 -3.39
CA GLY A 169 4.79 10.19 -2.73
C GLY A 169 3.83 11.33 -3.15
N PHE A 170 4.22 12.08 -4.17
CA PHE A 170 3.32 13.17 -4.65
C PHE A 170 2.25 12.56 -5.57
N ILE A 171 1.08 13.19 -5.56
CA ILE A 171 -0.03 12.79 -6.44
C ILE A 171 0.21 13.51 -7.80
N VAL A 172 0.24 12.73 -8.89
CA VAL A 172 0.52 13.30 -10.19
C VAL A 172 -0.68 13.28 -11.13
N GLY A 173 -1.79 12.73 -10.65
CA GLY A 173 -3.01 12.76 -11.49
C GLY A 173 -4.12 11.93 -10.95
N ILE A 174 -5.24 11.82 -11.69
CA ILE A 174 -6.34 11.01 -11.23
C ILE A 174 -6.83 10.09 -12.32
N HIS A 175 -7.24 8.89 -11.96
CA HIS A 175 -7.66 7.95 -13.02
C HIS A 175 -8.88 8.50 -13.77
N SER A 176 -8.91 8.38 -15.10
CA SER A 176 -10.07 8.87 -15.87
C SER A 176 -10.69 7.91 -16.84
N ALA A 177 -9.86 7.20 -17.59
CA ALA A 177 -10.51 6.44 -18.68
C ALA A 177 -9.72 5.26 -19.21
N SER A 178 -10.35 4.50 -20.09
CA SER A 178 -9.69 3.38 -20.73
C SER A 178 -10.14 3.31 -22.19
N ASN A 179 -9.39 2.55 -23.01
CA ASN A 179 -9.82 2.30 -24.41
C ASN A 179 -10.92 1.25 -24.33
N PHE A 180 -11.62 1.02 -25.42
CA PHE A 180 -12.76 0.08 -25.37
C PHE A 180 -12.49 -1.35 -24.91
N THR A 181 -11.26 -1.81 -25.07
CA THR A 181 -10.87 -3.15 -24.69
C THR A 181 -10.23 -3.23 -23.32
N ASN A 182 -10.22 -2.12 -22.61
CA ASN A 182 -9.60 -2.07 -21.29
C ASN A 182 -8.18 -2.59 -21.33
N THR A 183 -7.49 -2.31 -22.43
CA THR A 183 -6.08 -2.73 -22.54
C THR A 183 -5.10 -1.55 -22.29
N ASN A 184 -5.56 -0.31 -22.46
CA ASN A 184 -4.66 0.86 -22.18
C ASN A 184 -5.43 1.79 -21.26
N ASN A 185 -4.83 2.26 -20.17
CA ASN A 185 -5.53 3.13 -19.21
C ASN A 185 -4.96 4.53 -19.27
N TYR A 186 -5.76 5.51 -18.89
CA TYR A 186 -5.35 6.89 -18.96
C TYR A 186 -5.78 7.67 -17.70
N PHE A 187 -4.86 8.49 -17.20
CA PHE A 187 -5.23 9.35 -16.09
C PHE A 187 -5.10 10.80 -16.55
N THR A 188 -5.79 11.68 -15.86
CA THR A 188 -5.71 13.08 -16.17
C THR A 188 -4.61 13.61 -15.27
N SER A 189 -3.60 14.21 -15.91
CA SER A 189 -2.49 14.77 -15.21
C SER A 189 -2.81 16.02 -14.34
N VAL A 190 -2.07 16.14 -13.25
CA VAL A 190 -2.16 17.32 -12.40
C VAL A 190 -1.56 18.42 -13.32
N PRO A 191 -2.25 19.58 -13.44
CA PRO A 191 -1.74 20.66 -14.27
C PRO A 191 -0.59 21.43 -13.64
N LYS A 192 0.08 22.22 -14.44
CA LYS A 192 1.16 23.04 -13.89
C LYS A 192 0.64 24.01 -12.80
N ASN A 193 1.46 24.23 -11.77
CA ASN A 193 1.16 25.14 -10.66
C ASN A 193 -0.14 24.84 -9.92
N PHE A 194 -0.41 23.55 -9.77
CA PHE A 194 -1.62 23.15 -9.07
C PHE A 194 -1.59 23.52 -7.61
N MET A 195 -0.43 23.43 -6.95
CA MET A 195 -0.39 23.79 -5.53
C MET A 195 -0.79 25.26 -5.38
N GLU A 196 -0.36 26.10 -6.31
CA GLU A 196 -0.74 27.54 -6.24
C GLU A 196 -2.28 27.65 -6.28
N LEU A 197 -2.87 26.92 -7.21
CA LEU A 197 -4.33 26.97 -7.35
C LEU A 197 -5.04 26.54 -6.06
N LEU A 198 -4.55 25.49 -5.40
CA LEU A 198 -5.21 25.05 -4.18
C LEU A 198 -5.05 25.93 -3.00
N THR A 199 -3.99 26.75 -3.00
CA THR A 199 -3.66 27.59 -1.84
C THR A 199 -3.75 29.10 -2.04
N ASN A 200 -4.22 29.56 -3.21
CA ASN A 200 -4.29 31.00 -3.49
C ASN A 200 -5.69 31.32 -4.04
N GLN A 201 -6.51 31.96 -3.22
CA GLN A 201 -7.83 32.20 -3.72
C GLN A 201 -7.89 33.10 -4.93
N GLU A 202 -6.87 33.92 -5.14
CA GLU A 202 -6.88 34.80 -6.32
C GLU A 202 -6.90 34.00 -7.62
N ALA A 203 -6.35 32.78 -7.56
CA ALA A 203 -6.25 31.89 -8.71
C ALA A 203 -7.52 31.06 -9.02
N GLN A 204 -8.40 30.99 -8.02
CA GLN A 204 -9.62 30.23 -8.16
C GLN A 204 -10.70 31.02 -8.89
N GLN A 205 -11.51 30.32 -9.69
CA GLN A 205 -12.58 30.95 -10.48
C GLN A 205 -13.82 30.12 -10.27
N TRP A 206 -14.53 30.45 -9.20
CA TRP A 206 -15.68 29.67 -8.84
C TRP A 206 -16.96 29.95 -9.61
N VAL A 207 -17.65 28.91 -10.04
CA VAL A 207 -18.94 29.05 -10.70
C VAL A 207 -19.84 28.01 -10.04
N SER A 208 -21.14 28.06 -10.25
CA SER A 208 -21.98 27.01 -9.72
C SER A 208 -23.05 26.62 -10.81
N GLY A 209 -23.52 25.38 -10.78
CA GLY A 209 -24.54 24.87 -11.70
C GLY A 209 -23.97 24.29 -12.97
N TRP A 210 -22.64 24.36 -13.12
CA TRP A 210 -22.05 23.88 -14.40
C TRP A 210 -22.17 22.38 -14.69
N ARG A 211 -22.40 22.03 -15.99
CA ARG A 211 -22.45 20.64 -16.39
C ARG A 211 -21.96 20.51 -17.80
N LEU A 212 -21.73 19.28 -18.18
CA LEU A 212 -21.36 18.97 -19.57
C LEU A 212 -22.71 18.89 -20.37
N ASN A 213 -22.66 18.97 -21.68
CA ASN A 213 -23.89 18.95 -22.45
C ASN A 213 -23.89 17.88 -23.51
N ALA A 214 -22.99 16.91 -23.40
CA ALA A 214 -22.95 15.86 -24.41
C ALA A 214 -22.45 14.55 -23.87
N ASP A 215 -22.55 13.52 -24.68
CA ASP A 215 -22.13 12.18 -24.27
C ASP A 215 -20.71 11.81 -24.67
N SER A 216 -19.99 12.73 -25.30
CA SER A 216 -18.60 12.47 -25.61
C SER A 216 -17.92 13.83 -25.65
N VAL A 217 -16.63 13.82 -25.38
CA VAL A 217 -15.91 15.07 -25.39
C VAL A 217 -14.54 14.87 -26.04
N LEU A 218 -13.94 15.97 -26.49
CA LEU A 218 -12.63 15.93 -27.16
C LEU A 218 -11.64 16.66 -26.31
N TRP A 219 -10.99 15.89 -25.42
CA TRP A 219 -9.96 16.44 -24.52
C TRP A 219 -8.60 15.81 -24.73
N GLY A 220 -7.55 16.64 -24.75
CA GLY A 220 -6.20 16.15 -24.86
C GLY A 220 -5.96 15.27 -26.08
N GLY A 221 -6.66 15.55 -27.18
CA GLY A 221 -6.43 14.79 -28.39
C GLY A 221 -7.12 13.45 -28.51
N HIS A 222 -8.02 13.18 -27.58
CA HIS A 222 -8.76 11.91 -27.55
C HIS A 222 -10.27 12.22 -27.51
N LYS A 223 -11.09 11.41 -28.19
CA LYS A 223 -12.52 11.57 -28.05
C LYS A 223 -12.86 10.61 -26.89
N VAL A 224 -13.52 11.14 -25.85
CA VAL A 224 -13.87 10.32 -24.73
C VAL A 224 -15.39 10.24 -24.56
N PHE A 225 -15.92 9.03 -24.46
CA PHE A 225 -17.34 8.85 -24.27
C PHE A 225 -17.68 8.66 -22.81
N MET A 226 -18.89 9.08 -22.44
CA MET A 226 -19.39 8.92 -21.07
C MET A 226 -19.59 7.44 -20.70
N ASP A 227 -20.08 6.64 -21.66
CA ASP A 227 -20.33 5.19 -21.48
C ASP A 227 -19.62 4.40 -22.58
N LYS A 228 -19.29 3.13 -22.33
CA LYS A 228 -18.63 2.26 -23.31
C LYS A 228 -19.78 1.72 -24.21
N PRO A 229 -19.51 0.89 -25.25
CA PRO A 229 -20.52 0.34 -26.17
C PRO A 229 -21.95 0.83 -26.04
N SER B 11 -0.29 -8.43 -19.68
CA SER B 11 -1.54 -7.62 -19.62
C SER B 11 -1.33 -6.30 -18.87
N LEU B 12 -1.91 -6.19 -17.68
CA LEU B 12 -1.82 -4.99 -16.87
C LEU B 12 -1.31 -5.37 -15.49
N PHE B 13 -0.66 -4.44 -14.77
CA PHE B 13 -0.20 -4.77 -13.41
C PHE B 13 -1.40 -4.84 -12.51
N LYS B 14 -1.31 -5.56 -11.39
CA LYS B 14 -2.44 -5.73 -10.49
C LYS B 14 -2.87 -4.41 -9.91
N GLY B 15 -4.17 -4.30 -9.69
CA GLY B 15 -4.76 -3.09 -9.16
C GLY B 15 -4.59 -2.98 -7.67
N PRO B 16 -5.25 -1.98 -7.04
CA PRO B 16 -5.10 -1.80 -5.57
C PRO B 16 -5.39 -3.01 -4.75
N ARG B 17 -4.56 -3.24 -3.74
CA ARG B 17 -4.77 -4.39 -2.86
C ARG B 17 -4.77 -3.84 -1.44
N ASP B 18 -5.61 -4.41 -0.61
CA ASP B 18 -5.61 -3.99 0.79
C ASP B 18 -4.59 -4.80 1.60
N TYR B 19 -3.48 -4.16 2.01
CA TYR B 19 -2.45 -4.82 2.79
C TYR B 19 -2.68 -4.67 4.29
N ASN B 20 -3.76 -3.98 4.70
CA ASN B 20 -3.94 -3.83 6.13
C ASN B 20 -4.17 -5.13 6.93
N PRO B 21 -4.86 -6.12 6.35
CA PRO B 21 -5.06 -7.34 7.14
C PRO B 21 -3.66 -7.93 7.49
N ILE B 22 -2.64 -7.66 6.69
CA ILE B 22 -1.30 -8.16 7.03
C ILE B 22 -0.57 -7.22 7.98
N SER B 23 -0.56 -5.91 7.67
CA SER B 23 0.19 -5.02 8.49
C SER B 23 -0.38 -4.92 9.87
N SER B 24 -1.68 -5.14 10.01
CA SER B 24 -2.23 -5.00 11.34
C SER B 24 -1.77 -6.19 12.26
N THR B 25 -1.19 -7.27 11.67
CA THR B 25 -0.69 -8.42 12.50
C THR B 25 0.80 -8.28 12.78
N ILE B 26 1.43 -7.25 12.23
CA ILE B 26 2.87 -7.10 12.43
C ILE B 26 3.19 -6.63 13.85
N CYS B 27 4.22 -7.19 14.48
CA CYS B 27 4.60 -6.83 15.85
C CYS B 27 6.03 -6.46 15.88
N HIS B 28 6.39 -5.45 16.68
CA HIS B 28 7.79 -5.12 16.83
C HIS B 28 8.26 -5.89 18.04
N LEU B 29 9.45 -6.46 17.93
CA LEU B 29 10.04 -7.36 18.96
C LEU B 29 11.40 -6.89 19.43
N THR B 30 11.54 -6.77 20.76
CA THR B 30 12.81 -6.35 21.30
C THR B 30 13.21 -7.40 22.36
N ASN B 31 14.31 -8.09 22.09
CA ASN B 31 14.83 -9.14 22.99
C ASN B 31 16.05 -8.51 23.68
N GLU B 32 15.89 -8.26 24.97
CA GLU B 32 16.97 -7.67 25.72
C GLU B 32 17.52 -8.77 26.65
N SER B 33 18.78 -9.15 26.46
CA SER B 33 19.44 -10.18 27.28
C SER B 33 20.87 -9.75 27.58
N ASP B 34 21.19 -9.71 28.87
CA ASP B 34 22.52 -9.32 29.36
C ASP B 34 23.30 -8.26 28.59
N GLY B 35 22.82 -7.02 28.70
CA GLY B 35 23.46 -5.89 28.05
C GLY B 35 23.42 -5.89 26.55
N HIS B 36 22.49 -6.66 26.00
CA HIS B 36 22.38 -6.78 24.56
C HIS B 36 20.93 -6.76 24.12
N THR B 37 20.73 -6.21 22.93
CA THR B 37 19.41 -6.10 22.34
C THR B 37 19.35 -6.46 20.87
N THR B 38 18.30 -7.19 20.52
CA THR B 38 18.04 -7.57 19.14
C THR B 38 16.60 -7.10 18.95
N SER B 39 16.40 -6.22 17.98
CA SER B 39 15.10 -5.63 17.69
C SER B 39 14.77 -5.94 16.25
N LEU B 40 13.55 -6.41 16.03
CA LEU B 40 13.10 -6.73 14.68
C LEU B 40 11.61 -6.97 14.73
N TYR B 41 11.05 -7.48 13.66
CA TYR B 41 9.57 -7.64 13.61
C TYR B 41 9.13 -9.08 13.47
N GLY B 42 7.87 -9.28 13.78
CA GLY B 42 7.23 -10.59 13.68
C GLY B 42 5.84 -10.47 13.06
N ILE B 43 5.26 -11.59 12.69
CA ILE B 43 3.93 -11.64 12.10
C ILE B 43 3.04 -12.48 13.03
N GLY B 44 2.00 -11.87 13.58
CA GLY B 44 1.12 -12.61 14.45
C GLY B 44 0.15 -13.49 13.70
N PHE B 45 -0.15 -14.65 14.27
CA PHE B 45 -1.09 -15.55 13.61
C PHE B 45 -1.65 -16.41 14.72
N GLY B 46 -2.87 -16.12 15.13
CA GLY B 46 -3.47 -16.90 16.23
C GLY B 46 -2.66 -16.71 17.49
N PRO B 47 -2.31 -17.78 18.23
CA PRO B 47 -1.52 -17.65 19.46
C PRO B 47 -0.02 -17.47 19.19
N PHE B 48 0.33 -17.43 17.91
CA PHE B 48 1.76 -17.33 17.53
C PHE B 48 2.25 -16.05 16.94
N ILE B 49 3.58 -15.90 17.00
CA ILE B 49 4.29 -14.85 16.32
C ILE B 49 5.40 -15.54 15.48
N ILE B 50 5.36 -15.33 14.15
CA ILE B 50 6.34 -15.90 13.21
C ILE B 50 7.43 -14.87 13.05
N THR B 51 8.68 -15.27 13.21
CA THR B 51 9.74 -14.30 13.10
C THR B 51 11.11 -14.92 12.78
N ASN B 52 12.17 -14.16 12.91
CA ASN B 52 13.45 -14.70 12.53
C ASN B 52 14.07 -15.48 13.70
N LYS B 53 14.77 -16.57 13.36
CA LYS B 53 15.46 -17.30 14.41
C LYS B 53 16.46 -16.38 15.06
N HIS B 54 17.09 -15.50 14.30
CA HIS B 54 18.07 -14.65 14.98
C HIS B 54 17.65 -13.68 16.08
N LEU B 55 16.34 -13.58 16.34
CA LEU B 55 15.82 -12.80 17.46
C LEU B 55 16.41 -13.49 18.71
N PHE B 56 16.74 -14.78 18.59
CA PHE B 56 17.25 -15.55 19.75
C PHE B 56 18.76 -15.76 19.66
N ARG B 57 19.47 -14.72 19.26
CA ARG B 57 20.92 -14.80 19.24
C ARG B 57 21.24 -15.07 20.71
N ARG B 58 20.43 -14.49 21.59
CA ARG B 58 20.54 -14.69 23.02
C ARG B 58 19.17 -15.09 23.51
N ASN B 59 19.09 -15.89 24.56
CA ASN B 59 17.76 -16.22 25.10
C ASN B 59 17.94 -16.28 26.60
N ASN B 60 17.89 -15.12 27.22
CA ASN B 60 18.07 -15.09 28.67
C ASN B 60 17.73 -13.67 29.09
N GLY B 61 16.45 -13.35 29.04
CA GLY B 61 16.02 -12.00 29.35
C GLY B 61 14.55 -11.75 29.10
N THR B 62 14.25 -10.58 28.53
CA THR B 62 12.84 -10.18 28.33
C THR B 62 12.52 -9.92 26.84
N LEU B 63 11.25 -10.06 26.50
CA LEU B 63 10.80 -9.79 25.11
C LEU B 63 9.69 -8.74 25.16
N LEU B 64 9.93 -7.58 24.57
CA LEU B 64 8.93 -6.49 24.52
C LEU B 64 8.22 -6.72 23.18
N VAL B 65 6.90 -6.85 23.21
CA VAL B 65 6.14 -7.11 22.01
C VAL B 65 5.15 -5.96 21.81
N GLN B 66 5.37 -5.18 20.75
CA GLN B 66 4.49 -4.06 20.41
C GLN B 66 3.65 -4.44 19.24
N SER B 67 2.33 -4.44 19.43
CA SER B 67 1.42 -4.80 18.36
C SER B 67 0.37 -3.71 18.31
N LEU B 68 -0.67 -3.91 17.54
CA LEU B 68 -1.69 -2.89 17.58
C LEU B 68 -2.51 -3.01 18.88
N HIS B 69 -2.57 -4.18 19.53
CA HIS B 69 -3.32 -4.15 20.80
C HIS B 69 -2.45 -3.68 21.97
N GLY B 70 -1.35 -2.99 21.69
CA GLY B 70 -0.51 -2.48 22.75
C GLY B 70 0.90 -3.03 22.90
N VAL B 71 1.44 -2.90 24.12
CA VAL B 71 2.80 -3.35 24.42
C VAL B 71 2.79 -4.35 25.56
N PHE B 72 3.15 -5.59 25.24
CA PHE B 72 3.19 -6.70 26.18
C PHE B 72 4.64 -7.11 26.45
N LYS B 73 4.93 -7.40 27.71
CA LYS B 73 6.28 -7.75 28.06
C LYS B 73 6.41 -9.15 28.65
N VAL B 74 7.22 -9.96 28.00
CA VAL B 74 7.49 -11.32 28.42
C VAL B 74 8.68 -11.15 29.40
N LYS B 75 8.44 -11.52 30.66
CA LYS B 75 9.41 -11.37 31.72
C LYS B 75 10.59 -12.28 31.56
N ASN B 76 10.37 -13.48 31.04
CA ASN B 76 11.49 -14.39 30.90
C ASN B 76 11.40 -15.16 29.58
N THR B 77 12.25 -14.82 28.63
CA THR B 77 12.17 -15.43 27.33
C THR B 77 12.41 -16.93 27.34
N THR B 78 13.14 -17.42 28.34
CA THR B 78 13.45 -18.86 28.35
C THR B 78 12.21 -19.72 28.48
N THR B 79 11.13 -19.10 28.94
CA THR B 79 9.85 -19.76 29.09
C THR B 79 9.02 -19.81 27.81
N LEU B 80 9.42 -19.03 26.81
CA LEU B 80 8.68 -18.99 25.56
C LEU B 80 8.81 -20.27 24.76
N GLN B 81 7.70 -20.87 24.38
CA GLN B 81 7.79 -22.01 23.51
C GLN B 81 8.16 -21.63 22.09
N GLN B 82 9.03 -22.44 21.49
CA GLN B 82 9.56 -22.22 20.15
C GLN B 82 9.45 -23.39 19.22
N HIS B 83 9.08 -23.12 17.96
CA HIS B 83 9.06 -24.17 16.97
C HIS B 83 10.04 -23.74 15.89
N LEU B 84 11.16 -24.44 15.78
CA LEU B 84 12.17 -24.12 14.78
C LEU B 84 11.90 -24.59 13.37
N ILE B 85 12.22 -23.72 12.39
CA ILE B 85 12.05 -24.15 11.03
C ILE B 85 13.40 -24.65 10.53
N ASP B 86 13.51 -25.97 10.35
CA ASP B 86 14.78 -26.52 9.96
C ASP B 86 15.50 -25.90 8.76
N GLY B 87 16.73 -25.49 9.02
CA GLY B 87 17.59 -24.95 7.97
C GLY B 87 17.34 -23.53 7.49
N ARG B 88 16.39 -22.86 8.13
CA ARG B 88 15.98 -21.52 7.71
C ARG B 88 16.03 -20.53 8.87
N ASP B 89 16.11 -19.26 8.53
CA ASP B 89 16.10 -18.23 9.55
C ASP B 89 14.66 -17.89 9.89
N MET B 90 13.94 -18.87 10.40
CA MET B 90 12.56 -18.67 10.77
C MET B 90 12.22 -19.49 12.01
N ILE B 91 11.43 -18.87 12.87
CA ILE B 91 10.99 -19.57 14.07
C ILE B 91 9.58 -19.17 14.43
N ILE B 92 8.84 -20.09 15.00
CA ILE B 92 7.48 -19.70 15.49
C ILE B 92 7.44 -19.63 17.04
N ILE B 93 6.93 -18.53 17.60
CA ILE B 93 6.89 -18.39 19.06
C ILE B 93 5.44 -18.55 19.48
N ARG B 94 5.18 -19.33 20.54
CA ARG B 94 3.83 -19.41 21.03
C ARG B 94 3.81 -18.41 22.20
N MET B 95 2.96 -17.40 22.13
CA MET B 95 2.92 -16.42 23.18
C MET B 95 2.10 -17.01 24.39
N PRO B 96 2.32 -16.45 25.58
CA PRO B 96 1.69 -16.80 26.85
C PRO B 96 0.17 -16.78 26.69
N LYS B 97 -0.57 -17.57 27.46
CA LYS B 97 -2.04 -17.58 27.30
C LYS B 97 -2.76 -16.24 27.56
N ASP B 98 -2.12 -15.33 28.29
CA ASP B 98 -2.74 -14.05 28.54
C ASP B 98 -2.45 -13.03 27.43
N PHE B 99 -1.76 -13.46 26.37
CA PHE B 99 -1.46 -12.57 25.23
C PHE B 99 -2.69 -12.66 24.33
N PRO B 100 -3.29 -11.51 23.96
CA PRO B 100 -4.45 -11.70 23.10
C PRO B 100 -4.05 -12.29 21.75
N PRO B 101 -4.78 -13.28 21.30
CA PRO B 101 -4.44 -13.91 20.02
C PRO B 101 -4.73 -13.05 18.80
N PHE B 102 -4.11 -13.41 17.68
CA PHE B 102 -4.31 -12.64 16.45
C PHE B 102 -5.24 -13.41 15.61
N PRO B 103 -5.74 -12.82 14.53
CA PRO B 103 -6.66 -13.53 13.62
C PRO B 103 -5.83 -14.61 12.90
N GLN B 104 -6.50 -15.46 12.12
CA GLN B 104 -5.84 -16.51 11.37
C GLN B 104 -6.31 -16.51 9.92
N LYS B 105 -6.38 -15.30 9.37
CA LYS B 105 -6.83 -15.09 8.00
C LYS B 105 -5.67 -15.00 7.01
N LEU B 106 -4.49 -14.64 7.50
CA LEU B 106 -3.31 -14.53 6.63
C LEU B 106 -3.07 -15.82 5.87
N LYS B 107 -2.49 -15.70 4.68
CA LYS B 107 -2.13 -16.86 3.88
C LYS B 107 -0.64 -16.74 3.54
N PHE B 108 0.09 -17.85 3.66
CA PHE B 108 1.53 -17.96 3.40
C PHE B 108 1.74 -19.07 2.37
N ARG B 109 2.77 -18.98 1.52
CA ARG B 109 3.03 -20.04 0.54
C ARG B 109 4.47 -19.84 0.10
N GLU B 110 5.05 -20.84 -0.57
CA GLU B 110 6.39 -20.71 -1.04
C GLU B 110 6.44 -19.71 -2.19
N PRO B 111 7.55 -18.95 -2.28
CA PRO B 111 7.76 -17.96 -3.35
C PRO B 111 7.87 -18.69 -4.68
N GLN B 112 7.55 -17.98 -5.76
CA GLN B 112 7.65 -18.57 -7.10
C GLN B 112 8.68 -17.79 -7.92
N ARG B 113 9.53 -18.51 -8.65
CA ARG B 113 10.56 -17.85 -9.44
C ARG B 113 10.03 -16.71 -10.32
N GLU B 114 10.75 -15.59 -10.31
CA GLU B 114 10.40 -14.37 -11.07
C GLU B 114 9.10 -13.69 -10.74
N GLU B 115 8.41 -14.06 -9.64
CA GLU B 115 7.18 -13.30 -9.33
C GLU B 115 7.50 -11.91 -8.71
N ARG B 116 6.49 -11.06 -8.67
CA ARG B 116 6.64 -9.70 -8.15
C ARG B 116 6.22 -9.63 -6.67
N ILE B 117 7.05 -9.03 -5.83
CA ILE B 117 6.72 -8.98 -4.42
C ILE B 117 6.98 -7.60 -3.94
N CYS B 118 6.32 -7.24 -2.83
CA CYS B 118 6.63 -5.97 -2.20
C CYS B 118 6.86 -6.26 -0.68
N LEU B 119 7.46 -5.31 -0.01
CA LEU B 119 7.74 -5.47 1.42
C LEU B 119 6.67 -4.65 2.17
N VAL B 120 6.07 -5.22 3.18
CA VAL B 120 5.00 -4.54 3.95
C VAL B 120 5.41 -4.35 5.38
N THR B 121 5.15 -3.18 5.93
CA THR B 121 5.46 -2.97 7.31
C THR B 121 4.29 -2.18 7.91
N THR B 122 4.44 -1.69 9.14
CA THR B 122 3.32 -1.01 9.78
C THR B 122 3.63 0.36 10.38
N ASN B 123 2.66 1.30 10.41
CA ASN B 123 2.91 2.58 11.05
C ASN B 123 2.35 2.51 12.50
N PHE B 124 1.70 1.37 12.83
CA PHE B 124 1.14 1.13 14.17
C PHE B 124 -0.04 2.05 14.50
N GLN B 125 -0.72 2.55 13.48
CA GLN B 125 -1.88 3.39 13.76
C GLN B 125 -3.06 2.41 13.77
N THR B 126 -4.25 2.79 13.32
CA THR B 126 -5.40 1.85 13.36
C THR B 126 -5.28 0.65 12.42
N LYS B 127 -5.97 -0.46 12.77
CA LYS B 127 -5.88 -1.68 11.94
C LYS B 127 -6.11 -1.52 10.44
N SER B 128 -7.15 -0.80 10.02
CA SER B 128 -7.39 -0.70 8.58
C SER B 128 -6.65 0.44 7.84
N MET B 129 -5.78 1.18 8.53
CA MET B 129 -5.01 2.30 7.97
C MET B 129 -3.60 2.23 8.52
N SER B 130 -3.10 1.00 8.63
CA SER B 130 -1.79 0.79 9.21
C SER B 130 -0.67 0.45 8.20
N SER B 131 -1.04 -0.04 7.04
CA SER B 131 0.00 -0.49 6.14
C SER B 131 1.02 0.51 5.57
N MET B 132 2.26 0.03 5.41
CA MET B 132 3.28 0.83 4.69
C MET B 132 3.71 -0.18 3.65
N VAL B 133 3.75 0.21 2.38
CA VAL B 133 4.04 -0.77 1.35
C VAL B 133 5.11 -0.27 0.42
N SER B 134 6.06 -1.13 0.12
CA SER B 134 7.13 -0.70 -0.74
C SER B 134 6.79 -0.84 -2.20
N ASP B 135 7.75 -0.41 -2.99
CA ASP B 135 7.60 -0.59 -4.45
C ASP B 135 7.87 -2.08 -4.69
N THR B 136 7.64 -2.54 -5.91
CA THR B 136 7.75 -3.94 -6.25
C THR B 136 9.06 -4.41 -6.84
N SER B 137 9.50 -5.59 -6.42
CA SER B 137 10.76 -6.15 -6.94
C SER B 137 10.45 -7.50 -7.50
N CYS B 138 11.26 -7.94 -8.46
CA CYS B 138 11.10 -9.30 -8.92
C CYS B 138 11.91 -10.17 -7.86
N THR B 139 11.73 -11.49 -7.83
CA THR B 139 12.52 -12.28 -6.86
C THR B 139 12.98 -13.62 -7.46
N PHE B 140 14.12 -14.11 -6.98
CA PHE B 140 14.69 -15.39 -7.49
C PHE B 140 15.35 -16.07 -6.29
N PRO B 141 15.39 -17.41 -6.33
CA PRO B 141 16.02 -18.11 -5.19
C PRO B 141 17.50 -17.90 -5.21
N SER B 142 18.14 -18.07 -4.07
CA SER B 142 19.60 -17.99 -4.04
C SER B 142 19.93 -19.48 -3.77
N SER B 143 20.73 -20.12 -4.61
CA SER B 143 21.05 -21.57 -4.41
C SER B 143 19.91 -22.56 -4.05
N ASP B 144 19.98 -23.09 -2.82
CA ASP B 144 19.02 -24.05 -2.28
C ASP B 144 17.62 -23.45 -2.27
N GLY B 145 17.53 -22.13 -2.34
CA GLY B 145 16.22 -21.53 -2.31
C GLY B 145 15.77 -21.33 -0.88
N ILE B 146 16.66 -21.53 0.08
CA ILE B 146 16.28 -21.28 1.47
C ILE B 146 16.11 -19.73 1.57
N PHE B 147 17.10 -19.01 1.05
CA PHE B 147 17.09 -17.56 0.96
C PHE B 147 16.72 -17.24 -0.48
N TRP B 148 15.98 -16.14 -0.66
CA TRP B 148 15.55 -15.63 -1.96
C TRP B 148 15.97 -14.19 -1.98
N LYS B 149 16.22 -13.68 -3.16
CA LYS B 149 16.72 -12.35 -3.29
C LYS B 149 15.61 -11.35 -3.60
N HIS B 150 15.79 -10.12 -3.14
CA HIS B 150 14.85 -9.08 -3.52
C HIS B 150 15.65 -7.81 -3.57
N TRP B 151 15.14 -6.78 -4.25
CA TRP B 151 15.88 -5.55 -4.38
C TRP B 151 15.11 -4.35 -3.88
N ILE B 152 14.48 -4.54 -2.73
CA ILE B 152 13.73 -3.44 -2.13
C ILE B 152 14.58 -2.81 -1.03
N GLN B 153 14.71 -1.48 -1.06
CA GLN B 153 15.52 -0.80 -0.07
C GLN B 153 14.97 -1.08 1.32
N THR B 154 15.82 -1.60 2.19
CA THR B 154 15.36 -1.97 3.52
C THR B 154 16.37 -1.44 4.55
N LYS B 155 15.89 -0.73 5.57
CA LYS B 155 16.77 -0.17 6.62
C LYS B 155 17.06 -1.24 7.69
N ASP B 156 18.06 -0.97 8.53
CA ASP B 156 18.41 -1.92 9.56
C ASP B 156 17.28 -1.93 10.54
N GLY B 157 17.00 -3.11 11.10
CA GLY B 157 15.89 -3.21 12.03
C GLY B 157 14.63 -3.73 11.39
N GLN B 158 14.62 -3.90 10.06
CA GLN B 158 13.40 -4.37 9.38
C GLN B 158 13.28 -5.90 9.14
N CYS B 159 14.20 -6.67 9.74
CA CYS B 159 14.07 -8.10 9.60
C CYS B 159 12.71 -8.50 10.10
N GLY B 160 12.16 -9.54 9.50
CA GLY B 160 10.89 -10.05 10.02
C GLY B 160 9.74 -9.52 9.21
N SER B 161 9.99 -8.44 8.47
CA SER B 161 8.89 -7.84 7.70
C SER B 161 8.48 -8.80 6.58
N PRO B 162 7.17 -8.94 6.31
CA PRO B 162 6.77 -9.85 5.25
C PRO B 162 6.99 -9.38 3.83
N LEU B 163 7.41 -10.30 2.96
CA LEU B 163 7.54 -10.01 1.53
C LEU B 163 6.22 -10.60 1.08
N VAL B 164 5.44 -9.80 0.31
CA VAL B 164 4.10 -10.18 -0.12
C VAL B 164 3.95 -10.17 -1.65
N SER B 165 3.33 -11.26 -2.17
CA SER B 165 3.12 -11.38 -3.61
C SER B 165 2.03 -10.39 -4.07
N THR B 166 2.29 -9.66 -5.15
CA THR B 166 1.26 -8.72 -5.62
C THR B 166 0.23 -9.50 -6.44
N ARG B 167 0.58 -10.71 -6.84
CA ARG B 167 -0.33 -11.53 -7.61
C ARG B 167 -1.48 -12.04 -6.80
N ASP B 168 -1.21 -12.60 -5.62
CA ASP B 168 -2.31 -13.11 -4.82
C ASP B 168 -2.37 -12.64 -3.36
N GLY B 169 -1.47 -11.76 -2.92
CA GLY B 169 -1.56 -11.24 -1.55
C GLY B 169 -1.00 -12.20 -0.47
N PHE B 170 -0.45 -13.32 -0.89
CA PHE B 170 0.16 -14.26 0.07
C PHE B 170 1.53 -13.77 0.51
N ILE B 171 1.86 -14.04 1.77
CA ILE B 171 3.18 -13.77 2.33
C ILE B 171 4.07 -14.93 1.82
N VAL B 172 5.19 -14.61 1.17
CA VAL B 172 6.07 -15.66 0.67
C VAL B 172 7.40 -15.79 1.46
N GLY B 173 7.65 -14.89 2.40
CA GLY B 173 8.87 -14.98 3.21
C GLY B 173 8.99 -13.80 4.15
N ILE B 174 10.08 -13.73 4.89
CA ILE B 174 10.31 -12.60 5.82
C ILE B 174 11.69 -12.08 5.56
N HIS B 175 11.85 -10.76 5.66
CA HIS B 175 13.16 -10.20 5.37
C HIS B 175 14.19 -10.73 6.38
N SER B 176 15.39 -11.06 5.90
CA SER B 176 16.38 -11.63 6.83
C SER B 176 17.78 -11.03 6.80
N ALA B 177 18.26 -10.66 5.64
CA ALA B 177 19.65 -10.21 5.55
C ALA B 177 20.03 -9.51 4.30
N SER B 178 21.27 -9.04 4.26
CA SER B 178 21.79 -8.37 3.08
C SER B 178 23.31 -8.59 2.93
N ASN B 179 23.86 -8.31 1.73
CA ASN B 179 25.30 -8.44 1.57
C ASN B 179 25.96 -7.20 2.15
N PHE B 180 27.28 -7.22 2.24
CA PHE B 180 28.04 -6.12 2.86
C PHE B 180 27.68 -4.73 2.30
N THR B 181 27.60 -4.65 0.98
CA THR B 181 27.32 -3.39 0.34
C THR B 181 25.85 -2.99 0.26
N ASN B 182 24.98 -3.86 0.77
CA ASN B 182 23.54 -3.64 0.74
C ASN B 182 23.06 -3.44 -0.71
N THR B 183 23.62 -4.24 -1.62
CA THR B 183 23.21 -4.17 -3.01
C THR B 183 22.31 -5.38 -3.31
N ASN B 184 22.37 -6.40 -2.46
CA ASN B 184 21.47 -7.58 -2.63
C ASN B 184 20.77 -7.85 -1.33
N ASN B 185 19.43 -7.93 -1.35
CA ASN B 185 18.76 -8.23 -0.06
C ASN B 185 18.21 -9.64 -0.10
N TYR B 186 18.06 -10.27 1.07
CA TYR B 186 17.58 -11.66 1.10
C TYR B 186 16.47 -11.89 2.06
N PHE B 187 15.47 -12.68 1.66
CA PHE B 187 14.45 -13.02 2.64
C PHE B 187 14.42 -14.54 2.86
N THR B 188 13.96 -14.96 4.04
CA THR B 188 13.82 -16.38 4.27
C THR B 188 12.49 -16.81 3.68
N SER B 189 12.54 -17.75 2.75
CA SER B 189 11.29 -18.20 2.16
C SER B 189 10.40 -19.00 3.09
N VAL B 190 9.09 -18.88 2.85
CA VAL B 190 8.13 -19.65 3.60
C VAL B 190 8.40 -21.11 3.14
N PRO B 191 8.39 -22.06 4.05
CA PRO B 191 8.67 -23.43 3.55
C PRO B 191 7.46 -24.19 3.04
N LYS B 192 7.68 -25.33 2.39
CA LYS B 192 6.53 -26.14 1.97
C LYS B 192 5.66 -26.56 3.20
N ASN B 193 4.35 -26.72 3.00
CA ASN B 193 3.42 -27.11 4.04
C ASN B 193 3.30 -26.18 5.22
N PHE B 194 3.63 -24.90 5.07
CA PHE B 194 3.58 -24.00 6.21
C PHE B 194 2.19 -23.78 6.80
N MET B 195 1.19 -23.66 5.94
CA MET B 195 -0.16 -23.42 6.44
C MET B 195 -0.55 -24.66 7.28
N GLU B 196 -0.22 -25.87 6.80
CA GLU B 196 -0.52 -27.06 7.60
C GLU B 196 0.15 -26.93 8.96
N LEU B 197 1.40 -26.50 8.99
CA LEU B 197 2.14 -26.34 10.24
C LEU B 197 1.51 -25.40 11.26
N LEU B 198 0.98 -24.25 10.81
CA LEU B 198 0.40 -23.30 11.72
C LEU B 198 -0.97 -23.74 12.23
N THR B 199 -1.59 -24.68 11.52
CA THR B 199 -2.93 -25.10 11.90
C THR B 199 -3.08 -26.54 12.41
N ASN B 200 -1.99 -27.29 12.44
CA ASN B 200 -1.98 -28.69 12.87
C ASN B 200 -0.96 -28.90 14.00
N GLN B 201 -1.45 -28.98 15.24
CA GLN B 201 -0.58 -29.12 16.39
C GLN B 201 0.27 -30.37 16.31
N GLU B 202 -0.16 -31.35 15.55
CA GLU B 202 0.61 -32.57 15.41
C GLU B 202 1.91 -32.29 14.66
N ALA B 203 1.94 -31.26 13.83
CA ALA B 203 3.16 -30.99 13.05
C ALA B 203 4.19 -30.12 13.82
N GLN B 204 3.76 -29.61 14.94
CA GLN B 204 4.57 -28.73 15.75
C GLN B 204 5.51 -29.57 16.64
N GLN B 205 6.66 -28.99 16.92
CA GLN B 205 7.71 -29.64 17.68
C GLN B 205 8.27 -28.55 18.54
N TRP B 206 7.63 -28.33 19.67
CA TRP B 206 7.93 -27.26 20.59
C TRP B 206 9.09 -27.47 21.56
N VAL B 207 9.96 -26.47 21.64
CA VAL B 207 11.04 -26.48 22.66
C VAL B 207 11.04 -25.12 23.37
N SER B 208 11.85 -24.98 24.41
CA SER B 208 11.97 -23.67 25.05
C SER B 208 13.42 -23.44 25.42
N GLY B 209 13.80 -22.17 25.50
CA GLY B 209 15.16 -21.79 25.84
C GLY B 209 16.17 -21.82 24.72
N TRP B 210 15.75 -22.20 23.54
CA TRP B 210 16.69 -22.30 22.44
C TRP B 210 17.31 -20.98 22.01
N ARG B 211 18.58 -21.03 21.63
CA ARG B 211 19.26 -19.85 21.14
C ARG B 211 20.37 -20.24 20.17
N LEU B 212 20.89 -19.23 19.46
CA LEU B 212 22.01 -19.43 18.55
C LEU B 212 23.25 -19.41 19.47
N ASN B 213 24.37 -19.96 19.01
CA ASN B 213 25.55 -19.99 19.88
C ASN B 213 26.83 -19.49 19.23
N ALA B 214 26.68 -18.74 18.15
CA ALA B 214 27.83 -18.25 17.40
C ALA B 214 27.60 -16.84 16.87
N ASP B 215 28.60 -16.32 16.17
CA ASP B 215 28.52 -14.98 15.61
C ASP B 215 28.10 -15.04 14.13
N SER B 216 27.99 -16.25 13.60
CA SER B 216 27.59 -16.44 12.22
C SER B 216 27.07 -17.86 12.06
N VAL B 217 26.30 -18.08 11.00
CA VAL B 217 25.70 -19.37 10.71
C VAL B 217 25.82 -19.63 9.22
N LEU B 218 25.61 -20.88 8.84
CA LEU B 218 25.71 -21.30 7.46
C LEU B 218 24.34 -21.85 7.14
N TRP B 219 23.49 -21.04 6.51
CA TRP B 219 22.14 -21.49 6.17
C TRP B 219 21.90 -21.32 4.68
N GLY B 220 21.25 -22.30 4.05
CA GLY B 220 20.97 -22.16 2.64
C GLY B 220 22.14 -21.80 1.74
N GLY B 221 23.35 -22.18 2.14
CA GLY B 221 24.50 -21.93 1.30
C GLY B 221 25.15 -20.59 1.51
N HIS B 222 24.75 -19.90 2.56
CA HIS B 222 25.36 -18.61 2.78
C HIS B 222 25.93 -18.57 4.16
N LYS B 223 27.05 -17.88 4.33
CA LYS B 223 27.60 -17.69 5.66
C LYS B 223 27.00 -16.33 6.10
N VAL B 224 26.21 -16.39 7.17
CA VAL B 224 25.52 -15.21 7.66
C VAL B 224 25.99 -14.71 9.01
N PHE B 225 26.55 -13.49 9.02
CA PHE B 225 27.02 -12.84 10.24
C PHE B 225 25.96 -12.01 10.97
N MET B 226 25.95 -12.16 12.29
CA MET B 226 25.05 -11.42 13.15
C MET B 226 25.31 -9.94 12.88
N ASP B 227 26.55 -9.54 13.12
CA ASP B 227 27.01 -8.16 12.97
C ASP B 227 27.86 -7.97 11.71
N LYS B 228 27.83 -6.77 11.16
CA LYS B 228 28.56 -6.43 9.95
C LYS B 228 29.92 -5.76 10.22
N PRO B 229 31.01 -6.31 9.64
CA PRO B 229 32.36 -5.72 9.82
C PRO B 229 32.85 -4.86 8.65
N GLU C 2 -6.57 7.12 -29.56
CA GLU C 2 -7.72 6.27 -29.72
C GLU C 2 -8.93 6.77 -28.91
N ASN C 3 -10.09 6.25 -29.26
CA ASN C 3 -11.32 6.62 -28.54
C ASN C 3 -11.23 6.08 -27.12
N LEU C 4 -11.69 6.86 -26.15
CA LEU C 4 -11.63 6.38 -24.79
C LEU C 4 -13.01 6.45 -24.13
N TYR C 5 -13.17 5.80 -23.00
CA TYR C 5 -14.45 5.88 -22.34
C TYR C 5 -14.16 6.11 -20.86
N PHE C 6 -14.90 7.03 -20.25
CA PHE C 6 -14.67 7.28 -18.79
C PHE C 6 -15.08 6.02 -18.07
N GLN C 7 -14.23 5.57 -17.15
CA GLN C 7 -14.47 4.30 -16.46
C GLN C 7 -15.21 4.33 -15.13
N GLU D 2 27.37 -15.32 -1.54
CA GLU D 2 28.09 -14.26 -0.82
C GLU D 2 27.76 -14.25 0.66
N ASN D 3 28.68 -13.70 1.46
CA ASN D 3 28.48 -13.57 2.90
C ASN D 3 27.34 -12.59 3.13
N LEU D 4 26.50 -12.89 4.12
CA LEU D 4 25.37 -12.03 4.48
C LEU D 4 25.46 -11.55 5.92
N TYR D 5 24.72 -10.50 6.27
CA TYR D 5 24.70 -9.98 7.63
C TYR D 5 23.22 -9.77 7.91
N PHE D 6 22.78 -10.18 9.08
CA PHE D 6 21.38 -10.04 9.47
C PHE D 6 21.16 -8.57 9.69
N GLN D 7 20.15 -8.04 9.02
CA GLN D 7 19.84 -6.62 9.09
C GLN D 7 18.97 -6.23 10.28
N GLU E 1 -26.13 6.11 8.18
CA GLU E 1 -27.07 7.02 7.48
C GLU E 1 -26.50 8.42 7.24
N ALA E 2 -26.83 8.96 6.06
CA ALA E 2 -26.32 10.27 5.60
C ALA E 2 -26.68 11.55 6.33
N THR E 3 -25.66 12.34 6.69
CA THR E 3 -25.91 13.66 7.29
C THR E 3 -26.33 14.60 6.14
N GLN E 4 -27.56 15.16 6.18
CA GLN E 4 -28.01 16.12 5.13
C GLN E 4 -27.35 17.46 5.41
N LEU E 5 -26.50 17.94 4.52
CA LEU E 5 -25.85 19.27 4.70
C LEU E 5 -26.90 20.37 4.52
N MET E 6 -26.56 21.61 4.86
CA MET E 6 -27.58 22.67 4.82
C MET E 6 -28.02 23.14 3.45
N ASN E 7 -27.15 22.95 2.47
CA ASN E 7 -27.50 23.36 1.11
C ASN E 7 -27.35 24.88 0.95
#